data_7R6M
#
_entry.id   7R6M
#
_cell.length_a   1.00
_cell.length_b   1.00
_cell.length_c   1.00
_cell.angle_alpha   90.00
_cell.angle_beta   90.00
_cell.angle_gamma   90.00
#
_symmetry.space_group_name_H-M   'P 1'
#
loop_
_entity.id
_entity.type
_entity.pdbx_description
1 polymer 'Group I intron'
2 polymer 'Ligated exon mimic of the Group I intron'
3 non-polymer 'MAGNESIUM ION'
#
loop_
_entity_poly.entity_id
_entity_poly.type
_entity_poly.pdbx_seq_one_letter_code
_entity_poly.pdbx_strand_id
1 'polyribonucleotide'
;UGGAGGGAAAAGUUAUCAGGCAUGCACCUGGUAGCUAGUCUUUAAACCAAUAGAUUGCAUCGGUUUAAAAGGCAAGACCG
UCAAAUUGCGGGAAAGGGGUCAACAGCCGUUCAGUACCAAGUCUCAGGGGAAACUUUGAGAUGGCCUUGCAAAGGGUAUG
GUAAUAAGCUGACGGACAUGGUCCUAACCACGCAGCCAAGUCCUAAGUCAAGGAUGGUUCUUGAUAUGGAUGCAGUUCAC
AGACUAAAUGUCGGUCGGGGAAGAGAACCAUCCUCUUCUCAUAAGAUAUAGUCGGACCUCUCCUUAAUGGGAGCUAGCGG
AUGAAGUGAUGCAACACUGGAGCCGCUGGGAACUAAUUUGUAUGCGAAAGUAUAUUGAUUAGUUUUGGAGUACUCG
;
A
2 'polydeoxyribonucleotide/polyribonucleotide hybrid' CUCUC(DT)(DT)AAGGUCC B
#
loop_
_chem_comp.id
_chem_comp.type
_chem_comp.name
_chem_comp.formula
A RNA linking ADENOSINE-5'-MONOPHOSPHATE 'C10 H14 N5 O7 P'
C RNA linking CYTIDINE-5'-MONOPHOSPHATE 'C9 H14 N3 O8 P'
DT DNA linking THYMIDINE-5'-MONOPHOSPHATE 'C10 H15 N2 O8 P'
G RNA linking GUANOSINE-5'-MONOPHOSPHATE 'C10 H14 N5 O8 P'
MG non-polymer 'MAGNESIUM ION' 'Mg 2'
U RNA linking URIDINE-5'-MONOPHOSPHATE 'C9 H13 N2 O9 P'
#
# COMPACT_ATOMS: atom_id res chain seq x y z
MG MG C . -20.66 -10.32 -17.74
MG MG D . -15.00 -16.65 -17.47
MG MG E . 11.49 7.95 -5.03
MG MG F . 2.27 11.80 7.22
MG MG G . -4.55 11.95 8.98
MG MG H . 8.06 4.78 6.08
MG MG I . 18.85 14.38 -7.34
MG MG J . 5.48 -20.25 -5.86
MG MG K . -7.74 -13.87 -2.57
MG MG L . -5.91 9.10 -10.63
MG MG M . 0.83 -12.50 22.47
MG MG N . 2.96 6.36 4.66
MG MG O . 3.91 7.27 17.23
#